data_3MQ0
#
_entry.id   3MQ0
#
_cell.length_a   51.155
_cell.length_b   74.773
_cell.length_c   141.808
_cell.angle_alpha   90.00
_cell.angle_beta   90.00
_cell.angle_gamma   90.00
#
_symmetry.space_group_name_H-M   'P 21 21 21'
#
loop_
_entity.id
_entity.type
_entity.pdbx_description
1 polymer 'Transcriptional repressor of the blcABC operon'
2 water water
#
_entity_poly.entity_id   1
_entity_poly.type   'polypeptide(L)'
_entity_poly.pdbx_seq_one_letter_code
;MGQRGQVCQGKCMAEDQQSSQISDTVPALRRAVRILDLVAGSPRDLTAAELTRFLDLPKSSAHGLLAVMTELDLLARSAD
GTLRIGPHSLRWANGFLSHLDIVSTFNDHLAQRHDLDPYTVTLTVREGGEVVYIGCRNSAQPLGHTFRIGMRLPAPFTAT
GKILLSDLGPGELRMLFSQFPQPLTSRSVAGLSQLEEELALTRARGYSIDDGQIREGMLCIGAAIRDYSGAASAGIAISL
IRSEASDEKIAYLGEELRTTANALSEKLGYRSQKD
;
_entity_poly.pdbx_strand_id   A,B
#
# COMPACT_ATOMS: atom_id res chain seq x y z
N SER A 20 -5.40 -8.18 -35.74
CA SER A 20 -4.18 -7.90 -36.50
C SER A 20 -3.72 -6.46 -36.31
N GLN A 21 -4.47 -5.67 -35.54
CA GLN A 21 -4.05 -4.31 -35.24
C GLN A 21 -3.42 -4.23 -33.86
N ILE A 22 -4.23 -4.46 -32.84
CA ILE A 22 -3.75 -4.48 -31.46
C ILE A 22 -2.70 -5.59 -31.25
N SER A 23 -2.82 -6.68 -31.99
CA SER A 23 -1.88 -7.79 -31.81
C SER A 23 -0.46 -7.39 -32.17
N ASP A 24 -0.32 -6.42 -33.07
CA ASP A 24 1.01 -5.93 -33.45
C ASP A 24 1.83 -5.34 -32.31
N THR A 25 1.18 -4.89 -31.25
CA THR A 25 1.94 -4.38 -30.11
C THR A 25 1.74 -5.18 -28.83
N VAL A 26 1.11 -6.34 -28.94
CA VAL A 26 1.05 -7.26 -27.81
C VAL A 26 2.45 -7.62 -27.24
N PRO A 27 3.46 -7.80 -28.12
CA PRO A 27 4.77 -8.10 -27.53
C PRO A 27 5.26 -6.99 -26.59
N ALA A 28 4.80 -5.76 -26.79
CA ALA A 28 5.18 -4.67 -25.87
C ALA A 28 4.64 -4.90 -24.46
N LEU A 29 3.57 -5.67 -24.32
CA LEU A 29 3.04 -5.99 -23.00
C LEU A 29 4.02 -6.78 -22.15
N ARG A 30 4.51 -7.93 -22.64
CA ARG A 30 5.49 -8.69 -21.88
C ARG A 30 6.73 -7.82 -21.65
N ARG A 31 7.12 -7.03 -22.65
CA ARG A 31 8.33 -6.23 -22.50
C ARG A 31 8.14 -5.22 -21.37
N ALA A 32 6.97 -4.61 -21.31
CA ALA A 32 6.65 -3.68 -20.22
C ALA A 32 6.71 -4.36 -18.87
N VAL A 33 6.14 -5.56 -18.78
CA VAL A 33 6.18 -6.32 -17.54
C VAL A 33 7.62 -6.60 -17.11
N ARG A 34 8.44 -6.99 -18.09
CA ARG A 34 9.86 -7.23 -17.82
C ARG A 34 10.60 -5.97 -17.35
N ILE A 35 10.29 -4.83 -17.97
CA ILE A 35 10.90 -3.56 -17.57
C ILE A 35 10.50 -3.21 -16.13
N LEU A 36 9.20 -3.31 -15.83
CA LEU A 36 8.75 -3.01 -14.50
C LEU A 36 9.35 -3.94 -13.46
N ASP A 37 9.46 -5.22 -13.80
CA ASP A 37 10.08 -6.19 -12.89
C ASP A 37 11.53 -5.82 -12.59
N LEU A 38 12.30 -5.52 -13.63
CA LEU A 38 13.69 -5.14 -13.44
C LEU A 38 13.85 -3.86 -12.62
N VAL A 39 13.10 -2.83 -13.00
CA VAL A 39 13.17 -1.55 -12.32
C VAL A 39 12.80 -1.69 -10.84
N ALA A 40 11.75 -2.47 -10.58
CA ALA A 40 11.27 -2.66 -9.22
C ALA A 40 12.28 -3.41 -8.36
N GLY A 41 13.01 -4.34 -8.97
CA GLY A 41 13.95 -5.18 -8.24
C GLY A 41 15.40 -4.71 -8.25
N SER A 42 15.68 -3.65 -8.99
CA SER A 42 17.03 -3.12 -9.04
C SER A 42 17.22 -2.06 -7.97
N PRO A 43 18.11 -2.33 -7.01
CA PRO A 43 18.39 -1.35 -5.96
C PRO A 43 18.76 0.01 -6.56
N ARG A 44 19.67 0.02 -7.53
CA ARG A 44 20.12 1.24 -8.17
C ARG A 44 19.20 1.66 -9.33
N ASP A 45 18.93 2.95 -9.47
CA ASP A 45 18.14 3.43 -10.59
C ASP A 45 18.90 3.23 -11.91
N LEU A 46 18.19 2.80 -12.95
CA LEU A 46 18.81 2.47 -14.22
C LEU A 46 18.43 3.48 -15.31
N THR A 47 19.35 3.72 -16.24
CA THR A 47 19.05 4.55 -17.41
C THR A 47 18.32 3.72 -18.46
N ALA A 48 17.74 4.40 -19.45
CA ALA A 48 17.11 3.70 -20.55
C ALA A 48 18.10 2.82 -21.29
N ALA A 49 19.33 3.31 -21.50
CA ALA A 49 20.32 2.51 -22.18
C ALA A 49 20.66 1.24 -21.40
N GLU A 50 20.82 1.37 -20.08
CA GLU A 50 21.10 0.22 -19.22
C GLU A 50 19.97 -0.81 -19.23
N LEU A 51 18.73 -0.33 -19.14
CA LEU A 51 17.55 -1.21 -19.19
C LEU A 51 17.51 -1.99 -20.49
N THR A 52 17.71 -1.28 -21.60
CA THR A 52 17.62 -1.88 -22.92
C THR A 52 18.68 -2.96 -23.08
N ARG A 53 19.89 -2.72 -22.57
CA ARG A 53 20.96 -3.70 -22.65
C ARG A 53 20.70 -4.92 -21.76
N PHE A 54 20.29 -4.67 -20.51
CA PHE A 54 20.07 -5.74 -19.55
C PHE A 54 18.95 -6.67 -20.00
N LEU A 55 17.95 -6.13 -20.69
CA LEU A 55 16.84 -6.95 -21.15
C LEU A 55 16.98 -7.34 -22.62
N ASP A 56 18.01 -6.82 -23.27
CA ASP A 56 18.25 -7.09 -24.68
C ASP A 56 17.02 -6.79 -25.55
N LEU A 57 16.59 -5.53 -25.55
CA LEU A 57 15.41 -5.14 -26.31
C LEU A 57 15.76 -4.32 -27.54
N PRO A 58 14.90 -4.35 -28.56
CA PRO A 58 15.06 -3.47 -29.73
C PRO A 58 15.02 -2.00 -29.34
N SER A 61 12.53 0.10 -31.06
CA SER A 61 11.28 -0.09 -30.33
C SER A 61 11.43 0.29 -28.86
N ALA A 62 12.62 0.05 -28.32
CA ALA A 62 12.93 0.33 -26.92
C ALA A 62 12.53 1.74 -26.46
N HIS A 63 13.04 2.75 -27.16
CA HIS A 63 12.80 4.14 -26.82
C HIS A 63 11.31 4.48 -26.78
N GLY A 64 10.58 4.06 -27.81
CA GLY A 64 9.15 4.35 -27.89
C GLY A 64 8.36 3.75 -26.74
N LEU A 65 8.70 2.53 -26.37
CA LEU A 65 8.01 1.86 -25.29
C LEU A 65 8.26 2.56 -23.96
N LEU A 66 9.51 2.88 -23.66
CA LEU A 66 9.82 3.59 -22.43
C LEU A 66 9.16 4.97 -22.37
N ALA A 67 9.03 5.62 -23.53
CA ALA A 67 8.36 6.91 -23.61
C ALA A 67 6.89 6.81 -23.20
N VAL A 68 6.18 5.81 -23.72
CA VAL A 68 4.77 5.61 -23.32
C VAL A 68 4.66 5.19 -21.84
N MET A 69 5.52 4.30 -21.39
CA MET A 69 5.50 3.90 -19.97
C MET A 69 5.70 5.10 -19.05
N THR A 70 6.51 6.07 -19.49
CA THR A 70 6.73 7.27 -18.70
C THR A 70 5.52 8.20 -18.78
N GLU A 71 4.96 8.35 -19.99
CA GLU A 71 3.79 9.19 -20.19
C GLU A 71 2.66 8.76 -19.30
N LEU A 72 2.45 7.45 -19.19
CA LEU A 72 1.37 6.88 -18.37
C LEU A 72 1.75 6.73 -16.90
N ASP A 73 2.90 7.26 -16.53
CA ASP A 73 3.34 7.24 -15.13
C ASP A 73 3.56 5.84 -14.58
N LEU A 74 3.80 4.88 -15.46
CA LEU A 74 4.27 3.55 -15.05
C LEU A 74 5.71 3.65 -14.58
N LEU A 75 6.49 4.49 -15.25
CA LEU A 75 7.86 4.80 -14.84
C LEU A 75 7.94 6.28 -14.56
N ALA A 76 8.95 6.69 -13.78
CA ALA A 76 9.23 8.10 -13.61
C ALA A 76 10.70 8.32 -13.98
N ARG A 77 10.94 9.38 -14.74
CA ARG A 77 12.29 9.69 -15.18
C ARG A 77 12.85 10.83 -14.34
N SER A 78 14.01 10.57 -13.75
CA SER A 78 14.71 11.56 -12.94
C SER A 78 15.53 12.50 -13.83
N ALA A 79 15.90 13.66 -13.29
CA ALA A 79 16.64 14.62 -14.09
C ALA A 79 17.97 14.06 -14.62
N ASP A 80 18.51 13.08 -13.90
CA ASP A 80 19.76 12.43 -14.32
C ASP A 80 19.53 11.31 -15.35
N GLY A 81 18.30 11.16 -15.78
CA GLY A 81 17.97 10.21 -16.84
C GLY A 81 17.64 8.82 -16.35
N THR A 82 17.68 8.61 -15.04
CA THR A 82 17.42 7.28 -14.50
C THR A 82 15.94 7.10 -14.32
N LEU A 83 15.50 5.84 -14.41
CA LEU A 83 14.10 5.50 -14.34
C LEU A 83 13.77 4.78 -13.05
N ARG A 84 12.60 5.08 -12.51
CA ARG A 84 12.16 4.42 -11.31
C ARG A 84 10.71 4.04 -11.55
N ILE A 85 10.14 3.24 -10.66
CA ILE A 85 8.73 2.92 -10.77
C ILE A 85 7.94 4.20 -10.52
N GLY A 86 6.94 4.45 -11.35
CA GLY A 86 6.08 5.61 -11.19
C GLY A 86 4.89 5.29 -10.29
N PRO A 87 4.06 6.29 -9.99
CA PRO A 87 2.96 6.12 -9.04
C PRO A 87 1.78 5.28 -9.56
N HIS A 88 1.65 5.14 -10.86
CA HIS A 88 0.49 4.44 -11.43
C HIS A 88 0.24 3.05 -10.82
N SER A 89 1.29 2.25 -10.68
CA SER A 89 1.19 0.88 -10.16
C SER A 89 0.48 0.81 -8.82
N LEU A 90 0.66 1.83 -8.01
CA LEU A 90 0.10 1.89 -6.68
C LEU A 90 -1.43 1.89 -6.76
N ARG A 91 -1.98 2.50 -7.81
CA ARG A 91 -3.41 2.48 -8.07
C ARG A 91 -3.94 1.06 -8.29
N TRP A 92 -3.17 0.24 -8.99
CA TRP A 92 -3.56 -1.14 -9.23
C TRP A 92 -3.43 -1.96 -7.96
N ALA A 93 -2.36 -1.74 -7.21
CA ALA A 93 -2.16 -2.44 -5.95
C ALA A 93 -3.24 -2.08 -4.94
N ASN A 94 -3.64 -0.81 -4.89
CA ASN A 94 -4.73 -0.42 -4.02
C ASN A 94 -6.05 -1.08 -4.44
N GLY A 95 -6.25 -1.21 -5.74
CA GLY A 95 -7.46 -1.84 -6.25
C GLY A 95 -7.45 -3.32 -5.87
N PHE A 96 -6.27 -3.93 -5.96
CA PHE A 96 -6.11 -5.32 -5.52
C PHE A 96 -6.52 -5.49 -4.04
N LEU A 97 -5.95 -4.66 -3.19
CA LEU A 97 -6.17 -4.80 -1.76
C LEU A 97 -7.60 -4.47 -1.35
N SER A 98 -8.20 -3.50 -2.02
CA SER A 98 -9.56 -3.09 -1.69
C SER A 98 -10.64 -4.08 -2.16
N HIS A 99 -10.32 -4.91 -3.15
CA HIS A 99 -11.30 -5.84 -3.70
C HIS A 99 -11.02 -7.28 -3.34
N LEU A 100 -10.02 -7.48 -2.49
CA LEU A 100 -9.67 -8.81 -2.02
C LEU A 100 -10.90 -9.50 -1.40
N ASP A 101 -11.08 -10.77 -1.75
CA ASP A 101 -12.24 -11.52 -1.26
C ASP A 101 -11.71 -12.90 -0.97
N ILE A 102 -11.34 -13.12 0.29
CA ILE A 102 -10.69 -14.37 0.65
C ILE A 102 -11.62 -15.59 0.48
N VAL A 103 -12.92 -15.40 0.74
CA VAL A 103 -13.85 -16.52 0.61
C VAL A 103 -14.00 -16.93 -0.85
N SER A 104 -14.11 -15.96 -1.74
CA SER A 104 -14.23 -16.25 -3.17
C SER A 104 -12.99 -16.94 -3.70
N THR A 105 -11.82 -16.47 -3.29
CA THR A 105 -10.57 -17.09 -3.72
C THR A 105 -10.46 -18.53 -3.20
N PHE A 106 -10.84 -18.73 -1.94
CA PHE A 106 -10.86 -20.05 -1.32
C PHE A 106 -11.76 -21.01 -2.09
N ASN A 107 -13.01 -20.59 -2.35
CA ASN A 107 -13.97 -21.44 -3.06
C ASN A 107 -13.50 -21.78 -4.45
N ASP A 108 -13.02 -20.79 -5.18
CA ASP A 108 -12.55 -21.02 -6.54
C ASP A 108 -11.34 -21.93 -6.56
N HIS A 109 -10.46 -21.77 -5.58
CA HIS A 109 -9.25 -22.57 -5.53
C HIS A 109 -9.57 -24.05 -5.29
N LEU A 110 -10.42 -24.32 -4.30
CA LEU A 110 -10.79 -25.69 -3.99
C LEU A 110 -11.63 -26.33 -5.10
N ALA A 111 -12.33 -25.50 -5.87
CA ALA A 111 -13.13 -25.99 -6.99
C ALA A 111 -12.24 -26.58 -8.08
N GLN A 112 -10.99 -26.11 -8.13
CA GLN A 112 -10.03 -26.58 -9.12
C GLN A 112 -9.13 -27.67 -8.54
N ARG A 113 -9.41 -28.07 -7.31
CA ARG A 113 -8.63 -29.10 -6.64
C ARG A 113 -9.50 -30.32 -6.30
N HIS A 114 -9.82 -31.09 -7.33
CA HIS A 114 -10.67 -32.27 -7.17
C HIS A 114 -10.01 -33.29 -6.25
N ASP A 115 -8.80 -33.00 -5.82
CA ASP A 115 -8.02 -33.92 -5.00
C ASP A 115 -8.48 -33.97 -3.55
N LEU A 116 -9.11 -32.90 -3.09
CA LEU A 116 -9.50 -32.79 -1.68
C LEU A 116 -10.98 -33.08 -1.45
N ASP A 117 -11.66 -33.52 -2.49
CA ASP A 117 -13.11 -33.76 -2.45
C ASP A 117 -13.60 -34.60 -1.26
N PRO A 118 -12.83 -35.65 -0.89
CA PRO A 118 -13.29 -36.54 0.18
C PRO A 118 -13.29 -35.89 1.57
N TYR A 119 -12.79 -34.66 1.66
CA TYR A 119 -12.63 -34.04 2.97
C TYR A 119 -13.48 -32.78 3.11
N THR A 120 -13.96 -32.53 4.32
CA THR A 120 -14.58 -31.25 4.61
C THR A 120 -13.46 -30.24 4.90
N VAL A 121 -13.50 -29.10 4.22
CA VAL A 121 -12.44 -28.09 4.30
C VAL A 121 -13.04 -26.77 4.79
N THR A 122 -12.46 -26.18 5.83
CA THR A 122 -12.97 -24.94 6.39
C THR A 122 -11.98 -23.79 6.24
N LEU A 123 -12.51 -22.57 6.30
CA LEU A 123 -11.73 -21.34 6.23
C LEU A 123 -12.14 -20.50 7.43
N THR A 124 -11.17 -20.03 8.22
CA THR A 124 -11.50 -19.23 9.40
C THR A 124 -10.62 -17.99 9.49
N VAL A 125 -11.07 -17.02 10.27
CA VAL A 125 -10.22 -15.90 10.67
C VAL A 125 -10.23 -15.85 12.20
N ARG A 126 -9.19 -15.30 12.79
CA ARG A 126 -9.13 -15.17 14.24
C ARG A 126 -9.57 -13.76 14.64
N GLU A 127 -10.50 -13.69 15.60
CA GLU A 127 -10.88 -12.45 16.23
C GLU A 127 -10.69 -12.64 17.73
N GLY A 128 -9.64 -12.03 18.27
CA GLY A 128 -9.30 -12.23 19.66
C GLY A 128 -8.99 -13.68 19.97
N GLY A 129 -9.68 -14.23 20.96
CA GLY A 129 -9.43 -15.60 21.37
C GLY A 129 -10.25 -16.64 20.62
N GLU A 130 -11.00 -16.20 19.61
CA GLU A 130 -11.86 -17.13 18.87
C GLU A 130 -11.49 -17.21 17.41
N VAL A 131 -11.85 -18.33 16.77
CA VAL A 131 -11.85 -18.38 15.30
C VAL A 131 -13.29 -18.31 14.80
N VAL A 132 -13.49 -17.72 13.62
CA VAL A 132 -14.82 -17.56 13.05
C VAL A 132 -14.83 -18.24 11.70
N TYR A 133 -15.81 -19.11 11.47
CA TYR A 133 -15.90 -19.85 10.22
C TYR A 133 -16.50 -18.95 9.16
N ILE A 134 -15.73 -18.70 8.10
CA ILE A 134 -16.20 -17.84 7.03
C ILE A 134 -16.36 -18.57 5.71
N GLY A 135 -15.89 -19.81 5.68
CA GLY A 135 -16.05 -20.68 4.52
C GLY A 135 -16.03 -22.14 4.92
N CYS A 136 -16.81 -22.95 4.22
CA CYS A 136 -16.85 -24.37 4.51
C CYS A 136 -17.22 -25.13 3.24
N ARG A 137 -16.38 -26.10 2.87
CA ARG A 137 -16.51 -26.86 1.63
C ARG A 137 -16.70 -28.36 1.88
N ASN A 138 -17.40 -29.02 0.98
CA ASN A 138 -17.52 -30.48 0.96
C ASN A 138 -18.35 -31.06 2.08
N HIS A 145 -21.39 -31.13 8.38
CA HIS A 145 -22.46 -30.63 9.21
C HIS A 145 -21.95 -29.98 10.51
N THR A 146 -20.74 -30.30 10.90
CA THR A 146 -20.21 -29.83 12.16
C THR A 146 -20.12 -28.30 12.13
N PHE A 147 -19.64 -27.74 11.03
CA PHE A 147 -19.36 -26.30 10.94
C PHE A 147 -20.36 -25.56 10.08
N ARG A 148 -20.66 -24.32 10.40
CA ARG A 148 -21.55 -23.48 9.61
C ARG A 148 -20.99 -22.07 9.61
N ILE A 149 -21.22 -21.34 8.51
CA ILE A 149 -20.69 -19.99 8.39
C ILE A 149 -21.12 -19.12 9.57
N GLY A 150 -20.16 -18.50 10.24
CA GLY A 150 -20.48 -17.62 11.34
C GLY A 150 -20.29 -18.24 12.70
N MET A 151 -20.17 -19.56 12.77
CA MET A 151 -19.83 -20.25 14.01
C MET A 151 -18.52 -19.72 14.61
N ARG A 152 -18.47 -19.60 15.94
CA ARG A 152 -17.25 -19.19 16.65
C ARG A 152 -16.79 -20.28 17.62
N LEU A 153 -15.51 -20.62 17.59
CA LEU A 153 -14.98 -21.60 18.53
C LEU A 153 -13.70 -21.07 19.15
N PRO A 154 -13.32 -21.60 20.33
CA PRO A 154 -12.09 -21.13 20.99
C PRO A 154 -10.84 -21.47 20.18
N ALA A 155 -10.03 -20.45 19.89
CA ALA A 155 -8.84 -20.64 19.06
C ALA A 155 -7.87 -21.71 19.59
N PRO A 156 -7.75 -21.83 20.90
CA PRO A 156 -6.77 -22.81 21.38
C PRO A 156 -7.14 -24.25 21.08
N PHE A 157 -8.40 -24.53 20.76
CA PHE A 157 -8.84 -25.91 20.55
C PHE A 157 -8.86 -26.38 19.08
N THR A 158 -9.08 -25.47 18.14
CA THR A 158 -9.22 -25.85 16.74
C THR A 158 -7.91 -25.90 15.97
N ALA A 159 -7.89 -26.60 14.83
CA ALA A 159 -6.68 -26.66 13.99
C ALA A 159 -6.29 -25.29 13.46
N THR A 160 -7.25 -24.55 12.91
CA THR A 160 -6.92 -23.24 12.37
C THR A 160 -6.49 -22.31 13.50
N GLY A 161 -7.10 -22.49 14.66
CA GLY A 161 -6.81 -21.62 15.79
C GLY A 161 -5.39 -21.84 16.25
N LYS A 162 -4.99 -23.11 16.33
CA LYS A 162 -3.63 -23.42 16.75
C LYS A 162 -2.58 -22.86 15.79
N ILE A 163 -2.79 -23.03 14.49
CA ILE A 163 -1.80 -22.54 13.54
C ILE A 163 -1.76 -21.00 13.54
N LEU A 164 -2.90 -20.36 13.73
CA LEU A 164 -2.90 -18.90 13.75
C LEU A 164 -2.22 -18.40 15.02
N LEU A 165 -2.47 -19.06 16.15
CA LEU A 165 -1.83 -18.65 17.40
C LEU A 165 -0.32 -18.94 17.43
N SER A 166 0.12 -19.95 16.69
CA SER A 166 1.52 -20.34 16.72
C SER A 166 2.36 -19.25 16.06
N ASP A 167 1.69 -18.37 15.33
CA ASP A 167 2.34 -17.26 14.64
C ASP A 167 2.61 -16.06 15.57
N LEU A 168 1.98 -16.07 16.75
CA LEU A 168 2.10 -14.95 17.70
C LEU A 168 3.31 -15.07 18.63
N GLY A 169 3.62 -13.98 19.33
CA GLY A 169 4.65 -13.97 20.36
C GLY A 169 4.17 -14.56 21.68
N PRO A 170 5.10 -14.96 22.56
CA PRO A 170 4.74 -15.57 23.85
C PRO A 170 4.00 -14.60 24.78
N GLY A 171 4.34 -13.31 24.68
CA GLY A 171 3.66 -12.30 25.47
C GLY A 171 2.23 -12.15 25.00
N GLU A 172 2.02 -12.32 23.69
CA GLU A 172 0.68 -12.19 23.12
C GLU A 172 -0.27 -13.25 23.66
N LEU A 173 0.21 -14.49 23.81
CA LEU A 173 -0.66 -15.57 24.24
C LEU A 173 -1.11 -15.39 25.68
N ARG A 174 -0.19 -14.90 26.52
CA ARG A 174 -0.49 -14.63 27.91
C ARG A 174 -1.61 -13.61 28.00
N MET A 175 -1.56 -12.61 27.13
CA MET A 175 -2.57 -11.57 27.12
C MET A 175 -3.94 -12.09 26.73
N LEU A 176 -3.99 -13.01 25.77
CA LEU A 176 -5.26 -13.52 25.27
C LEU A 176 -5.89 -14.51 26.23
N PHE A 177 -5.07 -15.29 26.91
CA PHE A 177 -5.58 -16.47 27.62
C PHE A 177 -5.25 -16.53 29.10
N SER A 178 -5.19 -15.36 29.74
CA SER A 178 -5.00 -15.26 31.19
C SER A 178 -6.18 -15.92 31.89
N GLN A 179 -7.36 -15.85 31.27
CA GLN A 179 -8.50 -16.70 31.60
C GLN A 179 -8.59 -17.77 30.51
N PHE A 180 -8.22 -19.00 30.83
CA PHE A 180 -8.15 -20.02 29.81
C PHE A 180 -9.53 -20.59 29.55
N PRO A 181 -9.90 -20.75 28.28
CA PRO A 181 -11.24 -21.24 27.95
C PRO A 181 -11.52 -22.64 28.52
N GLN A 182 -12.78 -22.89 28.84
CA GLN A 182 -13.22 -24.18 29.37
C GLN A 182 -13.09 -25.25 28.29
N PRO A 183 -12.69 -26.46 28.69
CA PRO A 183 -12.54 -27.52 27.69
C PRO A 183 -13.86 -27.85 27.01
N LEU A 184 -13.80 -28.25 25.74
CA LEU A 184 -14.97 -28.74 25.02
C LEU A 184 -15.08 -30.27 25.12
N THR A 185 -13.93 -30.94 25.17
CA THR A 185 -13.86 -32.39 25.37
C THR A 185 -12.76 -32.70 26.37
N SER A 186 -12.61 -33.98 26.70
CA SER A 186 -11.62 -34.39 27.68
C SER A 186 -10.20 -34.28 27.13
N ARG A 187 -10.08 -34.06 25.82
CA ARG A 187 -8.79 -33.92 25.16
C ARG A 187 -8.41 -32.45 24.95
N SER A 188 -9.36 -31.55 25.14
CA SER A 188 -9.08 -30.13 24.91
C SER A 188 -7.85 -29.71 25.71
N VAL A 189 -6.95 -28.97 25.06
CA VAL A 189 -5.74 -28.54 25.75
C VAL A 189 -6.15 -27.83 27.03
N ALA A 190 -5.47 -28.13 28.12
CA ALA A 190 -5.98 -27.83 29.45
C ALA A 190 -5.47 -26.53 30.05
N GLY A 191 -4.42 -25.97 29.46
CA GLY A 191 -3.82 -24.77 30.03
C GLY A 191 -2.79 -24.11 29.15
N LEU A 192 -2.35 -22.94 29.59
CA LEU A 192 -1.44 -22.11 28.80
C LEU A 192 -0.13 -22.83 28.49
N SER A 193 0.44 -23.52 29.48
CA SER A 193 1.70 -24.23 29.30
C SER A 193 1.58 -25.40 28.30
N GLN A 194 0.48 -26.15 28.42
CA GLN A 194 0.24 -27.25 27.49
C GLN A 194 0.02 -26.69 26.08
N LEU A 195 -0.66 -25.54 26.00
CA LEU A 195 -0.85 -24.87 24.72
C LEU A 195 0.49 -24.44 24.15
N GLU A 196 1.34 -23.88 24.99
CA GLU A 196 2.69 -23.46 24.58
C GLU A 196 3.46 -24.59 23.90
N GLU A 197 3.49 -25.76 24.53
CA GLU A 197 4.22 -26.89 23.96
C GLU A 197 3.60 -27.35 22.66
N GLU A 198 2.27 -27.36 22.61
CA GLU A 198 1.54 -27.68 21.40
C GLU A 198 1.94 -26.76 20.24
N LEU A 199 2.08 -25.46 20.54
CA LEU A 199 2.39 -24.47 19.51
C LEU A 199 3.84 -24.59 19.04
N ALA A 200 4.72 -25.01 19.95
CA ALA A 200 6.12 -25.21 19.61
C ALA A 200 6.27 -26.29 18.55
N LEU A 201 5.64 -27.43 18.80
CA LEU A 201 5.62 -28.51 17.81
C LEU A 201 5.04 -28.01 16.48
N THR A 202 3.90 -27.31 16.57
CA THR A 202 3.21 -26.77 15.40
C THR A 202 4.11 -25.88 14.55
N ARG A 203 4.79 -24.92 15.17
CA ARG A 203 5.74 -24.07 14.45
C ARG A 203 6.76 -24.92 13.68
N ALA A 204 7.18 -26.02 14.30
CA ALA A 204 8.21 -26.88 13.71
C ALA A 204 7.72 -27.64 12.47
N ARG A 205 6.48 -28.13 12.52
CA ARG A 205 5.94 -28.91 11.40
C ARG A 205 5.46 -28.01 10.27
N GLY A 206 4.97 -26.82 10.63
CA GLY A 206 4.40 -25.94 9.64
C GLY A 206 2.92 -26.20 9.43
N TYR A 207 2.34 -27.11 10.22
CA TYR A 207 0.88 -27.31 10.25
C TYR A 207 0.43 -27.80 11.61
N SER A 208 -0.85 -27.63 11.90
CA SER A 208 -1.40 -27.96 13.20
C SER A 208 -2.18 -29.27 13.16
N ILE A 209 -2.38 -29.85 14.33
CA ILE A 209 -3.20 -31.03 14.47
C ILE A 209 -4.14 -30.83 15.65
N ASP A 210 -5.44 -30.92 15.38
CA ASP A 210 -6.45 -30.95 16.43
C ASP A 210 -6.95 -32.38 16.59
N ASP A 211 -6.50 -33.03 17.68
CA ASP A 211 -6.81 -34.43 17.95
C ASP A 211 -8.01 -34.57 18.89
N GLY A 212 -9.21 -34.33 18.38
CA GLY A 212 -10.42 -34.48 19.19
C GLY A 212 -10.61 -33.46 20.30
N GLN A 213 -10.17 -32.22 20.10
CA GLN A 213 -10.33 -31.18 21.13
C GLN A 213 -11.60 -30.36 20.94
N ILE A 214 -12.24 -30.50 19.79
CA ILE A 214 -13.54 -29.88 19.57
C ILE A 214 -14.64 -30.90 19.79
N ARG A 215 -14.51 -32.05 19.14
CA ARG A 215 -15.51 -33.11 19.23
C ARG A 215 -14.83 -34.46 19.18
N GLU A 216 -15.24 -35.35 20.07
CA GLU A 216 -14.66 -36.68 20.10
C GLU A 216 -14.85 -37.35 18.75
N GLY A 217 -13.78 -37.96 18.25
CA GLY A 217 -13.85 -38.68 17.00
C GLY A 217 -13.37 -37.88 15.81
N MET A 218 -13.30 -36.56 15.97
CA MET A 218 -12.86 -35.68 14.90
C MET A 218 -11.38 -35.25 15.01
N LEU A 219 -10.63 -35.45 13.94
CA LEU A 219 -9.26 -34.95 13.83
C LEU A 219 -9.18 -33.87 12.76
N CYS A 220 -8.55 -32.75 13.07
CA CYS A 220 -8.37 -31.67 12.09
C CYS A 220 -6.89 -31.30 11.89
N ILE A 221 -6.59 -30.84 10.68
CA ILE A 221 -5.25 -30.47 10.29
C ILE A 221 -5.36 -29.12 9.63
N GLY A 222 -4.49 -28.19 10.02
CA GLY A 222 -4.64 -26.83 9.57
C GLY A 222 -3.35 -26.19 9.12
N ALA A 223 -3.48 -25.14 8.33
CA ALA A 223 -2.34 -24.37 7.86
C ALA A 223 -2.75 -22.92 7.77
N ALA A 224 -1.75 -22.05 7.80
CA ALA A 224 -1.99 -20.63 7.79
C ALA A 224 -1.97 -20.07 6.39
N ILE A 225 -2.90 -19.14 6.13
CA ILE A 225 -2.92 -18.36 4.91
C ILE A 225 -2.37 -16.99 5.26
N ARG A 226 -1.56 -16.42 4.38
CA ARG A 226 -0.87 -15.16 4.69
C ARG A 226 -1.22 -14.09 3.68
N ASP A 227 -1.18 -12.84 4.14
CA ASP A 227 -1.47 -11.71 3.27
C ASP A 227 -0.18 -11.09 2.74
N TYR A 228 -0.29 -10.01 1.99
CA TYR A 228 0.88 -9.41 1.36
C TYR A 228 1.99 -9.04 2.34
N SER A 229 1.61 -8.70 3.58
CA SER A 229 2.60 -8.33 4.58
C SER A 229 3.26 -9.54 5.24
N GLY A 230 2.86 -10.73 4.82
CA GLY A 230 3.46 -11.95 5.35
C GLY A 230 2.83 -12.43 6.65
N ALA A 231 1.87 -11.67 7.17
CA ALA A 231 1.21 -12.04 8.42
C ALA A 231 0.12 -13.07 8.15
N ALA A 232 -0.09 -14.00 9.08
CA ALA A 232 -1.18 -14.96 8.93
C ALA A 232 -2.50 -14.23 8.99
N SER A 233 -3.29 -14.32 7.93
CA SER A 233 -4.58 -13.64 7.87
C SER A 233 -5.79 -14.57 8.07
N ALA A 234 -5.61 -15.87 7.80
CA ALA A 234 -6.73 -16.80 7.88
C ALA A 234 -6.16 -18.18 8.02
N GLY A 235 -7.00 -19.14 8.39
CA GLY A 235 -6.55 -20.52 8.44
C GLY A 235 -7.42 -21.41 7.58
N ILE A 236 -6.84 -22.49 7.09
CA ILE A 236 -7.61 -23.49 6.38
C ILE A 236 -7.37 -24.82 7.07
N ALA A 237 -8.39 -25.67 7.12
CA ALA A 237 -8.23 -26.96 7.78
C ALA A 237 -9.07 -28.03 7.12
N ILE A 238 -8.59 -29.27 7.21
CA ILE A 238 -9.34 -30.42 6.80
C ILE A 238 -9.80 -31.16 8.05
N SER A 239 -11.03 -31.65 8.04
CA SER A 239 -11.55 -32.44 9.14
C SER A 239 -11.76 -33.88 8.69
N LEU A 240 -11.48 -34.82 9.57
CA LEU A 240 -11.70 -36.23 9.24
C LEU A 240 -12.00 -37.04 10.49
N ILE A 241 -12.42 -38.29 10.27
CA ILE A 241 -12.63 -39.23 11.37
C ILE A 241 -11.28 -39.60 11.93
N ARG A 242 -11.15 -39.57 13.25
CA ARG A 242 -9.85 -39.71 13.89
C ARG A 242 -9.27 -41.11 13.69
N SER A 243 -10.04 -41.97 13.02
CA SER A 243 -9.71 -43.36 12.88
C SER A 243 -9.41 -43.73 11.43
N GLU A 244 -9.75 -42.87 10.51
CA GLU A 244 -9.50 -43.06 9.12
C GLU A 244 -8.22 -42.33 8.85
N ALA A 245 -7.38 -42.21 9.86
CA ALA A 245 -6.28 -41.28 9.79
C ALA A 245 -5.09 -41.91 10.39
N SER A 246 -4.30 -42.49 9.53
CA SER A 246 -3.09 -43.16 9.91
C SER A 246 -2.09 -42.13 10.22
N ASP A 247 -1.28 -42.40 11.22
CA ASP A 247 -0.21 -41.52 11.64
C ASP A 247 0.66 -41.02 10.51
N GLU A 248 0.56 -41.61 9.33
CA GLU A 248 1.28 -41.08 8.18
C GLU A 248 0.39 -40.33 7.25
N LYS A 249 -0.88 -40.69 7.21
CA LYS A 249 -1.84 -39.91 6.43
C LYS A 249 -1.91 -38.46 6.91
N ILE A 250 -1.63 -38.27 8.20
CA ILE A 250 -1.62 -36.94 8.81
C ILE A 250 -0.45 -36.14 8.29
N ALA A 251 0.72 -36.78 8.22
CA ALA A 251 1.92 -36.12 7.73
C ALA A 251 1.74 -35.75 6.26
N TYR A 252 0.94 -36.54 5.55
CA TYR A 252 0.66 -36.28 4.16
C TYR A 252 -0.30 -35.11 3.91
N LEU A 253 -1.47 -35.16 4.54
CA LEU A 253 -2.44 -34.07 4.45
C LEU A 253 -1.83 -32.79 5.01
N GLY A 254 -0.96 -32.93 6.01
CA GLY A 254 -0.29 -31.78 6.57
C GLY A 254 0.52 -31.05 5.52
N GLU A 255 1.34 -31.80 4.78
CA GLU A 255 2.20 -31.22 3.75
C GLU A 255 1.39 -30.71 2.56
N GLU A 256 0.38 -31.46 2.15
CA GLU A 256 -0.51 -31.02 1.09
C GLU A 256 -1.27 -29.74 1.44
N LEU A 257 -1.77 -29.65 2.68
CA LEU A 257 -2.48 -28.45 3.09
C LEU A 257 -1.51 -27.26 3.09
N ARG A 258 -0.26 -27.50 3.49
CA ARG A 258 0.73 -26.43 3.48
C ARG A 258 0.92 -25.86 2.07
N THR A 259 0.91 -26.75 1.08
CA THR A 259 1.14 -26.33 -0.30
C THR A 259 -0.09 -25.61 -0.85
N THR A 260 -1.26 -26.12 -0.50
CA THR A 260 -2.53 -25.47 -0.87
C THR A 260 -2.64 -24.10 -0.28
N ALA A 261 -2.37 -23.99 1.02
CA ALA A 261 -2.37 -22.71 1.71
C ALA A 261 -1.38 -21.73 1.09
N ASN A 262 -0.17 -22.20 0.80
CA ASN A 262 0.79 -21.31 0.16
C ASN A 262 0.27 -20.79 -1.17
N ALA A 263 -0.40 -21.66 -1.93
CA ALA A 263 -0.97 -21.30 -3.23
C ALA A 263 -2.07 -20.27 -3.06
N LEU A 264 -2.90 -20.44 -2.03
CA LEU A 264 -3.93 -19.45 -1.73
C LEU A 264 -3.31 -18.13 -1.30
N SER A 265 -2.31 -18.19 -0.42
CA SER A 265 -1.65 -16.98 0.03
C SER A 265 -1.10 -16.19 -1.16
N GLU A 266 -0.52 -16.90 -2.14
CA GLU A 266 0.01 -16.21 -3.31
C GLU A 266 -1.07 -15.45 -4.09
N LYS A 267 -2.25 -16.04 -4.20
CA LYS A 267 -3.35 -15.38 -4.88
C LYS A 267 -3.81 -14.13 -4.12
N LEU A 268 -3.49 -14.09 -2.83
CA LEU A 268 -3.89 -12.99 -1.96
C LEU A 268 -2.76 -11.97 -1.80
N GLY A 269 -1.66 -12.18 -2.50
CA GLY A 269 -0.61 -11.17 -2.56
C GLY A 269 0.66 -11.52 -1.81
N TYR A 270 0.63 -12.64 -1.10
CA TYR A 270 1.80 -13.09 -0.35
C TYR A 270 2.88 -13.64 -1.28
N SER B 23 0.54 10.26 -29.89
CA SER B 23 -0.76 9.87 -30.41
C SER B 23 -1.23 8.59 -29.73
N ASP B 24 -1.60 7.60 -30.54
CA ASP B 24 -1.99 6.28 -30.02
C ASP B 24 -0.82 5.33 -30.22
N THR B 25 0.37 5.77 -29.79
CA THR B 25 1.55 4.93 -29.86
C THR B 25 1.43 3.74 -28.89
N VAL B 26 2.12 2.64 -29.20
CA VAL B 26 2.04 1.39 -28.42
C VAL B 26 0.61 1.06 -27.95
N PRO B 27 -0.31 0.89 -28.90
CA PRO B 27 -1.73 0.70 -28.63
C PRO B 27 -2.07 -0.37 -27.59
N ALA B 28 -1.44 -1.55 -27.66
CA ALA B 28 -1.79 -2.63 -26.74
C ALA B 28 -1.49 -2.26 -25.28
N LEU B 29 -0.41 -1.55 -25.07
CA LEU B 29 -0.09 -1.08 -23.73
C LEU B 29 -1.11 -0.06 -23.22
N ARG B 30 -1.48 0.90 -24.08
CA ARG B 30 -2.48 1.90 -23.69
C ARG B 30 -3.80 1.24 -23.30
N ARG B 31 -4.26 0.25 -24.08
CA ARG B 31 -5.50 -0.45 -23.76
C ARG B 31 -5.37 -1.27 -22.48
N ALA B 32 -4.24 -1.93 -22.28
CA ALA B 32 -4.05 -2.73 -21.07
C ALA B 32 -4.10 -1.82 -19.84
N VAL B 33 -3.46 -0.66 -19.93
CA VAL B 33 -3.50 0.30 -18.84
C VAL B 33 -4.94 0.78 -18.58
N ARG B 34 -5.70 1.05 -19.64
CA ARG B 34 -7.10 1.44 -19.46
C ARG B 34 -7.91 0.36 -18.74
N ILE B 35 -7.70 -0.90 -19.13
CA ILE B 35 -8.38 -2.03 -18.51
C ILE B 35 -7.99 -2.16 -17.04
N LEU B 36 -6.70 -2.07 -16.73
CA LEU B 36 -6.30 -2.16 -15.34
C LEU B 36 -6.90 -1.04 -14.51
N ASP B 37 -6.96 0.17 -15.07
CA ASP B 37 -7.57 1.27 -14.34
C ASP B 37 -9.05 1.00 -14.05
N LEU B 38 -9.75 0.43 -15.02
CA LEU B 38 -11.18 0.15 -14.86
C LEU B 38 -11.43 -0.92 -13.81
N VAL B 39 -10.63 -1.98 -13.85
CA VAL B 39 -10.76 -3.05 -12.86
C VAL B 39 -10.41 -2.53 -11.47
N ALA B 40 -9.36 -1.73 -11.37
CA ALA B 40 -8.93 -1.26 -10.07
C ALA B 40 -9.99 -0.36 -9.45
N GLY B 41 -10.69 0.39 -10.29
CA GLY B 41 -11.65 1.38 -9.82
C GLY B 41 -13.08 0.88 -9.64
N SER B 42 -13.34 -0.38 -10.01
CA SER B 42 -14.68 -0.95 -9.85
C SER B 42 -14.79 -1.76 -8.56
N PRO B 43 -15.74 -1.40 -7.70
CA PRO B 43 -15.97 -2.17 -6.46
C PRO B 43 -16.58 -3.53 -6.77
N ARG B 44 -17.19 -3.63 -7.95
CA ARG B 44 -17.80 -4.87 -8.41
C ARG B 44 -16.88 -5.54 -9.42
N ASP B 45 -16.69 -6.85 -9.31
CA ASP B 45 -15.82 -7.55 -10.25
C ASP B 45 -16.53 -7.74 -11.58
N LEU B 46 -15.87 -7.34 -12.66
CA LEU B 46 -16.49 -7.29 -13.99
C LEU B 46 -16.13 -8.48 -14.86
N THR B 47 -17.05 -8.84 -15.76
CA THR B 47 -16.83 -9.91 -16.72
C THR B 47 -16.05 -9.38 -17.91
N ALA B 48 -15.56 -10.29 -18.75
CA ALA B 48 -14.86 -9.87 -19.95
C ALA B 48 -15.84 -9.09 -20.82
N ALA B 49 -17.10 -9.54 -20.85
CA ALA B 49 -18.09 -8.87 -21.68
C ALA B 49 -18.30 -7.43 -21.22
N GLU B 50 -18.35 -7.23 -19.91
CA GLU B 50 -18.50 -5.89 -19.37
C GLU B 50 -17.31 -4.99 -19.72
N LEU B 51 -16.10 -5.52 -19.56
CA LEU B 51 -14.91 -4.72 -19.82
C LEU B 51 -14.81 -4.38 -21.31
N THR B 52 -15.25 -5.31 -22.15
CA THR B 52 -15.16 -5.16 -23.59
C THR B 52 -15.91 -3.90 -24.03
N ARG B 53 -17.00 -3.60 -23.33
CA ARG B 53 -17.82 -2.41 -23.62
C ARG B 53 -17.02 -1.13 -23.47
N PHE B 54 -15.92 -1.19 -22.73
CA PHE B 54 -15.07 -0.01 -22.50
C PHE B 54 -13.87 0.05 -23.44
N LEU B 55 -13.77 -0.90 -24.36
CA LEU B 55 -12.64 -0.92 -25.28
C LEU B 55 -13.07 -0.58 -26.71
N ASP B 56 -12.26 0.22 -27.38
CA ASP B 56 -12.49 0.55 -28.78
C ASP B 56 -11.95 -0.52 -29.73
N LEU B 57 -12.27 -1.79 -29.46
CA LEU B 57 -11.79 -2.91 -30.26
C LEU B 57 -12.91 -3.85 -30.65
N PRO B 58 -12.79 -4.53 -31.80
CA PRO B 58 -13.75 -5.57 -32.12
C PRO B 58 -13.80 -6.52 -30.94
N LYS B 59 -14.93 -7.20 -30.74
CA LYS B 59 -15.10 -8.11 -29.62
C LYS B 59 -14.01 -9.17 -29.51
N SER B 60 -13.64 -9.78 -30.64
CA SER B 60 -12.66 -10.86 -30.59
C SER B 60 -11.29 -10.38 -30.14
N SER B 61 -10.94 -9.16 -30.53
CA SER B 61 -9.66 -8.59 -30.15
C SER B 61 -9.67 -8.19 -28.68
N ALA B 62 -10.79 -7.67 -28.22
CA ALA B 62 -10.90 -7.29 -26.83
C ALA B 62 -10.76 -8.54 -25.95
N HIS B 63 -11.48 -9.60 -26.28
CA HIS B 63 -11.37 -10.83 -25.52
C HIS B 63 -9.96 -11.41 -25.55
N GLY B 64 -9.32 -11.36 -26.71
CA GLY B 64 -7.95 -11.84 -26.82
C GLY B 64 -6.99 -11.04 -25.97
N LEU B 65 -7.19 -9.73 -25.92
CA LEU B 65 -6.30 -8.90 -25.10
C LEU B 65 -6.47 -9.24 -23.63
N LEU B 66 -7.72 -9.37 -23.20
CA LEU B 66 -8.00 -9.72 -21.80
C LEU B 66 -7.37 -11.07 -21.45
N ALA B 67 -7.43 -12.03 -22.38
CA ALA B 67 -6.84 -13.34 -22.12
C ALA B 67 -5.32 -13.28 -21.99
N VAL B 68 -4.68 -12.44 -22.81
CA VAL B 68 -3.25 -12.25 -22.73
C VAL B 68 -2.87 -11.59 -21.40
N MET B 69 -3.64 -10.60 -20.96
CA MET B 69 -3.37 -9.93 -19.71
C MET B 69 -3.52 -10.88 -18.55
N THR B 70 -4.41 -11.86 -18.70
CA THR B 70 -4.55 -12.90 -17.68
C THR B 70 -3.33 -13.84 -17.66
N GLU B 71 -2.87 -14.22 -18.84
CA GLU B 71 -1.69 -15.07 -18.93
C GLU B 71 -0.45 -14.34 -18.39
N LEU B 72 -0.38 -13.04 -18.63
CA LEU B 72 0.71 -12.22 -18.14
C LEU B 72 0.62 -12.00 -16.64
N ASP B 73 -0.52 -12.41 -16.06
CA ASP B 73 -0.76 -12.24 -14.63
C ASP B 73 -1.03 -10.77 -14.21
N LEU B 74 -1.26 -9.91 -15.19
CA LEU B 74 -1.76 -8.57 -14.88
C LEU B 74 -3.17 -8.67 -14.28
N LEU B 75 -3.98 -9.57 -14.83
CA LEU B 75 -5.31 -9.87 -14.31
C LEU B 75 -5.36 -11.33 -13.86
N ALA B 76 -6.27 -11.60 -12.93
CA ALA B 76 -6.60 -12.93 -12.50
C ALA B 76 -8.05 -13.18 -12.87
N ARG B 77 -8.33 -14.38 -13.36
CA ARG B 77 -9.70 -14.73 -13.74
C ARG B 77 -10.35 -15.63 -12.70
N SER B 78 -11.48 -15.22 -12.14
CA SER B 78 -12.21 -16.05 -11.18
C SER B 78 -13.01 -17.16 -11.87
N ALA B 79 -13.52 -18.10 -11.08
CA ALA B 79 -14.26 -19.23 -11.66
C ALA B 79 -15.43 -18.77 -12.52
N ASP B 80 -16.08 -17.69 -12.09
CA ASP B 80 -17.28 -17.21 -12.76
C ASP B 80 -16.94 -16.27 -13.92
N GLY B 81 -15.66 -16.18 -14.25
CA GLY B 81 -15.20 -15.40 -15.38
C GLY B 81 -14.99 -13.92 -15.12
N THR B 82 -15.15 -13.50 -13.88
CA THR B 82 -14.86 -12.10 -13.56
C THR B 82 -13.36 -11.90 -13.46
N LEU B 83 -12.91 -10.69 -13.72
CA LEU B 83 -11.51 -10.42 -13.77
C LEU B 83 -11.16 -9.49 -12.63
N ARG B 84 -9.99 -9.70 -12.04
CA ARG B 84 -9.55 -8.83 -10.96
C ARG B 84 -8.08 -8.54 -11.16
N ILE B 85 -7.58 -7.50 -10.49
CA ILE B 85 -6.16 -7.23 -10.56
C ILE B 85 -5.36 -8.42 -10.04
N GLY B 86 -4.29 -8.78 -10.76
CA GLY B 86 -3.39 -9.84 -10.34
C GLY B 86 -2.47 -9.34 -9.24
N PRO B 87 -2.05 -10.23 -8.34
CA PRO B 87 -1.23 -9.85 -7.18
C PRO B 87 0.17 -9.37 -7.55
N HIS B 88 0.58 -9.60 -8.79
CA HIS B 88 1.94 -9.23 -9.19
C HIS B 88 2.16 -7.72 -9.13
N SER B 89 1.08 -6.94 -9.28
CA SER B 89 1.15 -5.49 -9.20
C SER B 89 1.72 -5.02 -7.87
N LEU B 90 1.51 -5.82 -6.83
CA LEU B 90 2.04 -5.47 -5.52
C LEU B 90 3.57 -5.31 -5.56
N ARG B 91 4.23 -6.11 -6.40
CA ARG B 91 5.70 -6.05 -6.47
C ARG B 91 6.13 -4.68 -6.97
N TRP B 92 5.40 -4.14 -7.93
CA TRP B 92 5.74 -2.83 -8.48
C TRP B 92 5.42 -1.74 -7.46
N ALA B 93 4.26 -1.82 -6.83
CA ALA B 93 3.91 -0.82 -5.84
C ALA B 93 4.95 -0.82 -4.71
N ASN B 94 5.41 -2.01 -4.32
CA ASN B 94 6.44 -2.15 -3.29
C ASN B 94 7.72 -1.48 -3.76
N GLY B 95 8.03 -1.68 -5.03
CA GLY B 95 9.21 -1.06 -5.62
C GLY B 95 9.09 0.45 -5.62
N PHE B 96 7.92 0.96 -5.96
CA PHE B 96 7.67 2.39 -5.89
C PHE B 96 7.90 2.92 -4.47
N LEU B 97 7.29 2.30 -3.48
CA LEU B 97 7.36 2.80 -2.11
C LEU B 97 8.78 2.70 -1.53
N SER B 98 9.53 1.71 -1.96
CA SER B 98 10.90 1.49 -1.47
C SER B 98 11.90 2.50 -2.04
N HIS B 99 11.74 2.83 -3.32
CA HIS B 99 12.66 3.73 -4.01
C HIS B 99 12.28 5.21 -3.82
N LEU B 100 11.23 5.47 -3.05
CA LEU B 100 10.73 6.83 -2.89
C LEU B 100 11.71 7.75 -2.18
N ASP B 101 12.11 8.83 -2.86
CA ASP B 101 13.06 9.79 -2.33
C ASP B 101 12.47 11.18 -2.55
N ILE B 102 11.85 11.73 -1.53
CA ILE B 102 11.13 12.99 -1.66
C ILE B 102 12.04 14.17 -2.05
N VAL B 103 13.26 14.19 -1.53
CA VAL B 103 14.14 15.30 -1.82
C VAL B 103 14.53 15.34 -3.30
N SER B 104 14.87 14.19 -3.88
CA SER B 104 15.23 14.20 -5.29
C SER B 104 13.99 14.48 -6.18
N THR B 105 12.83 13.98 -5.77
CA THR B 105 11.58 14.27 -6.48
C THR B 105 11.30 15.78 -6.47
N PHE B 106 11.44 16.38 -5.30
CA PHE B 106 11.32 17.83 -5.11
C PHE B 106 12.29 18.58 -6.04
N ASN B 107 13.58 18.23 -6.01
CA ASN B 107 14.58 18.94 -6.81
C ASN B 107 14.21 18.94 -8.29
N ASP B 108 13.85 17.77 -8.80
CA ASP B 108 13.50 17.60 -10.20
C ASP B 108 12.22 18.35 -10.60
N HIS B 109 11.27 18.39 -9.68
CA HIS B 109 10.04 19.12 -9.90
C HIS B 109 10.35 20.61 -10.09
N LEU B 110 11.27 21.14 -9.28
CA LEU B 110 11.63 22.55 -9.39
C LEU B 110 12.35 22.86 -10.70
N ALA B 111 13.11 21.88 -11.19
CA ALA B 111 13.88 22.07 -12.42
C ALA B 111 13.01 22.37 -13.64
N GLN B 112 11.69 22.20 -13.53
CA GLN B 112 10.82 22.41 -14.69
C GLN B 112 9.74 23.45 -14.42
N ARG B 113 9.81 24.09 -13.26
CA ARG B 113 8.89 25.16 -12.91
C ARG B 113 9.65 26.47 -12.84
N HIS B 114 9.99 27.00 -14.01
CA HIS B 114 10.75 28.24 -14.07
C HIS B 114 10.00 29.41 -13.43
N ASP B 115 8.70 29.23 -13.18
CA ASP B 115 7.90 30.24 -12.49
C ASP B 115 8.49 30.56 -11.12
N LEU B 116 9.07 29.55 -10.48
CA LEU B 116 9.59 29.70 -9.13
C LEU B 116 11.09 30.03 -9.09
N ASP B 117 11.71 30.20 -10.25
CA ASP B 117 13.14 30.50 -10.33
C ASP B 117 13.57 31.68 -9.46
N PRO B 118 12.72 32.72 -9.34
CA PRO B 118 13.12 33.90 -8.57
C PRO B 118 13.17 33.67 -7.07
N TYR B 119 12.63 32.56 -6.58
CA TYR B 119 12.50 32.38 -5.14
C TYR B 119 13.34 31.27 -4.54
N THR B 120 13.71 31.45 -3.28
CA THR B 120 14.31 30.37 -2.51
C THR B 120 13.20 29.42 -2.11
N VAL B 121 13.39 28.12 -2.33
CA VAL B 121 12.35 27.15 -2.04
C VAL B 121 12.87 26.13 -1.05
N THR B 122 12.09 25.86 0.00
CA THR B 122 12.51 24.91 1.03
C THR B 122 11.53 23.77 1.12
N LEU B 123 12.03 22.64 1.62
CA LEU B 123 11.22 21.44 1.83
C LEU B 123 11.49 21.00 3.26
N THR B 124 10.43 20.79 4.03
CA THR B 124 10.59 20.46 5.43
C THR B 124 9.70 19.31 5.85
N VAL B 125 10.03 18.71 6.99
CA VAL B 125 9.13 17.77 7.65
C VAL B 125 8.92 18.25 9.06
N ARG B 126 7.78 17.91 9.66
CA ARG B 126 7.53 18.27 11.07
C ARG B 126 7.96 17.15 12.02
N GLU B 127 8.70 17.51 13.05
CA GLU B 127 8.96 16.60 14.15
C GLU B 127 8.55 17.29 15.44
N GLY B 128 7.42 16.88 16.01
CA GLY B 128 6.90 17.51 17.20
C GLY B 128 6.57 18.96 16.91
N GLY B 129 7.12 19.87 17.70
CA GLY B 129 6.83 21.29 17.54
C GLY B 129 7.81 22.03 16.64
N GLU B 130 8.67 21.29 15.94
CA GLU B 130 9.68 21.89 15.05
C GLU B 130 9.50 21.45 13.60
N VAL B 131 9.99 22.24 12.64
CA VAL B 131 10.17 21.74 11.28
C VAL B 131 11.67 21.52 11.07
N VAL B 132 12.00 20.53 10.24
CA VAL B 132 13.39 20.20 9.92
C VAL B 132 13.56 20.35 8.42
N TYR B 133 14.58 21.10 8.00
CA TYR B 133 14.83 21.38 6.59
C TYR B 133 15.51 20.19 5.94
N ILE B 134 14.86 19.59 4.94
CA ILE B 134 15.44 18.45 4.25
C ILE B 134 15.81 18.74 2.82
N GLY B 135 15.34 19.86 2.29
CA GLY B 135 15.70 20.28 0.94
C GLY B 135 15.68 21.78 0.83
N CYS B 136 16.51 22.34 -0.04
CA CYS B 136 16.55 23.78 -0.23
C CYS B 136 17.11 24.13 -1.60
N ARG B 137 16.35 24.89 -2.39
CA ARG B 137 16.86 25.40 -3.66
C ARG B 137 17.01 26.91 -3.56
N ASN B 138 18.26 27.38 -3.56
CA ASN B 138 18.56 28.80 -3.34
C ASN B 138 18.24 29.69 -4.52
N SER B 139 18.14 30.99 -4.26
CA SER B 139 17.85 31.98 -5.30
C SER B 139 18.58 33.28 -5.04
N ALA B 140 18.23 34.31 -5.83
CA ALA B 140 18.81 35.64 -5.71
C ALA B 140 18.16 36.49 -4.62
N GLN B 141 17.11 35.98 -4.01
CA GLN B 141 16.48 36.68 -2.91
C GLN B 141 17.51 36.89 -1.78
N PRO B 142 17.70 38.15 -1.35
CA PRO B 142 18.61 38.39 -0.23
C PRO B 142 18.26 37.53 0.98
N HIS B 145 16.45 31.30 7.66
CA HIS B 145 17.51 32.26 7.80
C HIS B 145 18.15 32.75 6.53
N THR B 146 19.27 32.19 6.17
CA THR B 146 19.44 31.14 5.30
C THR B 146 18.98 29.85 5.97
N PHE B 147 18.55 29.00 5.09
CA PHE B 147 18.12 27.70 5.39
C PHE B 147 19.30 26.80 5.07
N ARG B 148 19.52 25.84 5.93
CA ARG B 148 20.56 24.83 5.81
C ARG B 148 19.94 23.47 6.05
N ILE B 149 20.37 22.46 5.30
CA ILE B 149 19.81 21.11 5.49
C ILE B 149 20.08 20.66 6.94
N GLY B 150 19.07 20.07 7.59
CA GLY B 150 19.21 19.62 8.96
C GLY B 150 18.86 20.65 10.04
N MET B 151 18.76 21.90 9.63
CA MET B 151 18.38 23.00 10.52
C MET B 151 16.95 22.82 11.06
N ARG B 152 16.70 23.31 12.28
CA ARG B 152 15.37 23.27 12.91
C ARG B 152 14.84 24.65 13.25
N LEU B 153 13.54 24.84 13.09
CA LEU B 153 12.86 26.06 13.51
C LEU B 153 11.51 25.70 14.15
N PRO B 154 10.97 26.59 15.00
CA PRO B 154 9.64 26.35 15.59
C PRO B 154 8.55 26.29 14.53
N ALA B 155 7.81 25.19 14.51
CA ALA B 155 6.72 25.01 13.56
C ALA B 155 5.69 26.14 13.55
N PRO B 156 5.39 26.73 14.73
CA PRO B 156 4.32 27.74 14.67
C PRO B 156 4.70 29.00 13.91
N PHE B 157 5.99 29.26 13.73
CA PHE B 157 6.44 30.50 13.09
C PHE B 157 6.70 30.38 11.57
N THR B 158 6.96 29.19 11.06
CA THR B 158 7.34 29.06 9.65
C THR B 158 6.13 28.81 8.75
N ALA B 159 6.25 29.08 7.44
CA ALA B 159 5.12 28.82 6.55
C ALA B 159 4.85 27.32 6.44
N THR B 160 5.89 26.50 6.27
CA THR B 160 5.66 25.05 6.24
C THR B 160 5.12 24.54 7.56
N GLY B 161 5.59 25.12 8.66
CA GLY B 161 5.15 24.74 9.99
C GLY B 161 3.65 25.00 10.17
N LYS B 162 3.18 26.18 9.79
CA LYS B 162 1.75 26.47 9.85
C LYS B 162 0.92 25.50 9.00
N ILE B 163 1.36 25.23 7.79
CA ILE B 163 0.57 24.33 6.95
C ILE B 163 0.55 22.91 7.54
N LEU B 164 1.68 22.44 8.03
CA LEU B 164 1.72 21.10 8.63
C LEU B 164 0.92 21.04 9.95
N LEU B 165 0.97 22.10 10.73
CA LEU B 165 0.18 22.15 11.97
C LEU B 165 -1.32 22.29 11.69
N SER B 166 -1.68 22.78 10.51
CA SER B 166 -3.09 23.01 10.22
C SER B 166 -3.85 21.68 10.08
N ASP B 167 -3.17 20.57 9.97
CA ASP B 167 -3.89 19.33 9.94
C ASP B 167 -4.12 18.73 11.30
N LEU B 168 -3.60 19.34 12.35
CA LEU B 168 -3.83 18.89 13.72
C LEU B 168 -5.10 19.46 14.32
N GLY B 169 -5.76 18.69 15.18
CA GLY B 169 -6.96 19.15 15.87
C GLY B 169 -6.58 19.98 17.09
N PRO B 170 -7.58 20.56 17.76
CA PRO B 170 -7.34 21.43 18.93
C PRO B 170 -6.65 20.70 20.08
N GLY B 171 -7.00 19.43 20.27
CA GLY B 171 -6.42 18.65 21.35
C GLY B 171 -4.95 18.35 21.07
N GLU B 172 -4.65 17.97 19.83
CA GLU B 172 -3.27 17.64 19.47
C GLU B 172 -2.36 18.85 19.58
N LEU B 173 -2.86 20.02 19.18
CA LEU B 173 -2.09 21.26 19.28
C LEU B 173 -1.82 21.57 20.75
N ARG B 174 -2.79 21.32 21.61
CA ARG B 174 -2.60 21.67 22.99
C ARG B 174 -1.60 20.75 23.67
N MET B 175 -1.51 19.51 23.19
CA MET B 175 -0.48 18.58 23.67
C MET B 175 0.92 19.03 23.26
N LEU B 176 1.02 19.58 22.06
CA LEU B 176 2.31 20.01 21.54
C LEU B 176 2.80 21.29 22.19
N PHE B 177 1.87 22.20 22.49
CA PHE B 177 2.24 23.56 22.83
C PHE B 177 1.73 24.06 24.17
N SER B 178 1.73 23.18 25.18
CA SER B 178 1.43 23.59 26.55
C SER B 178 2.36 24.75 26.93
N GLN B 179 3.63 24.60 26.57
CA GLN B 179 4.57 25.71 26.59
C GLN B 179 4.74 26.20 25.17
N PHE B 180 4.31 27.43 24.92
CA PHE B 180 4.43 28.01 23.59
C PHE B 180 5.85 28.55 23.35
N PRO B 181 6.41 28.29 22.15
CA PRO B 181 7.77 28.80 21.87
C PRO B 181 7.87 30.31 22.01
N GLN B 182 9.03 30.78 22.49
CA GLN B 182 9.30 32.21 22.57
C GLN B 182 9.46 32.83 21.19
N PRO B 183 9.04 34.08 21.00
CA PRO B 183 9.08 34.73 19.69
C PRO B 183 10.49 34.91 19.11
N LEU B 184 10.62 34.80 17.79
CA LEU B 184 11.88 35.10 17.12
C LEU B 184 11.94 36.58 16.72
N THR B 185 10.79 37.15 16.38
CA THR B 185 10.70 38.55 15.99
C THR B 185 9.49 39.17 16.66
N SER B 186 9.27 40.46 16.45
CA SER B 186 8.10 41.14 16.99
C SER B 186 6.82 40.73 16.28
N ARG B 187 6.95 39.94 15.21
CA ARG B 187 5.77 39.48 14.47
C ARG B 187 5.45 38.03 14.71
N SER B 188 6.34 37.31 15.40
CA SER B 188 6.12 35.90 15.66
C SER B 188 4.79 35.72 16.36
N VAL B 189 4.02 34.71 15.96
CA VAL B 189 2.72 34.49 16.60
C VAL B 189 2.94 34.31 18.11
N ALA B 190 2.11 34.98 18.91
CA ALA B 190 2.40 35.12 20.33
C ALA B 190 1.81 34.01 21.21
N GLY B 191 0.92 33.21 20.66
CA GLY B 191 0.31 32.17 21.47
C GLY B 191 -0.66 31.27 20.74
N LEU B 192 -1.23 30.34 21.48
CA LEU B 192 -2.06 29.31 20.90
C LEU B 192 -3.29 29.88 20.19
N SER B 193 -3.95 30.84 20.83
CA SER B 193 -5.16 31.43 20.25
C SER B 193 -4.87 32.08 18.92
N GLN B 194 -3.78 32.83 18.85
CA GLN B 194 -3.45 33.51 17.60
C GLN B 194 -3.05 32.49 16.54
N LEU B 195 -2.36 31.44 16.94
CA LEU B 195 -1.96 30.39 16.01
C LEU B 195 -3.20 29.73 15.42
N GLU B 196 -4.19 29.45 16.25
CA GLU B 196 -5.38 28.75 15.76
C GLU B 196 -6.18 29.57 14.76
N GLU B 197 -6.16 30.90 14.91
CA GLU B 197 -6.76 31.76 13.89
C GLU B 197 -6.01 31.61 12.56
N GLU B 198 -4.68 31.67 12.62
CA GLU B 198 -3.88 31.47 11.41
C GLU B 198 -4.15 30.12 10.77
N LEU B 199 -4.30 29.08 11.59
CA LEU B 199 -4.49 27.74 11.05
C LEU B 199 -5.85 27.60 10.36
N ALA B 200 -6.87 28.23 10.92
CA ALA B 200 -8.20 28.21 10.28
C ALA B 200 -8.14 28.83 8.90
N LEU B 201 -7.49 29.98 8.80
CA LEU B 201 -7.34 30.67 7.51
C LEU B 201 -6.53 29.80 6.55
N THR B 202 -5.49 29.16 7.07
CA THR B 202 -4.62 28.31 6.26
C THR B 202 -5.39 27.15 5.64
N ARG B 203 -6.20 26.50 6.45
CA ARG B 203 -7.06 25.40 6.00
C ARG B 203 -8.00 25.82 4.90
N ALA B 204 -8.60 27.00 5.04
CA ALA B 204 -9.60 27.46 4.07
C ALA B 204 -9.00 27.77 2.70
N ARG B 205 -7.76 28.19 2.64
CA ARG B 205 -7.18 28.52 1.37
C ARG B 205 -6.18 27.51 0.84
N GLY B 206 -5.69 26.64 1.70
CA GLY B 206 -4.74 25.64 1.23
C GLY B 206 -3.31 26.17 1.08
N TYR B 207 -3.02 27.35 1.60
CA TYR B 207 -1.64 27.81 1.69
C TYR B 207 -1.45 28.70 2.92
N SER B 208 -0.24 28.79 3.41
CA SER B 208 0.07 29.56 4.58
C SER B 208 0.95 30.74 4.26
N ILE B 209 0.95 31.70 5.15
CA ILE B 209 1.82 32.85 5.03
C ILE B 209 2.58 33.05 6.34
N ASP B 210 3.90 33.19 6.24
CA ASP B 210 4.72 33.67 7.35
C ASP B 210 5.20 35.06 7.03
N ASP B 211 4.57 36.08 7.61
CA ASP B 211 4.95 37.44 7.31
C ASP B 211 5.95 37.94 8.35
N GLY B 212 7.22 37.58 8.17
CA GLY B 212 8.29 38.08 9.01
C GLY B 212 8.33 37.52 10.44
N GLN B 213 7.87 36.29 10.60
CA GLN B 213 7.87 35.63 11.92
C GLN B 213 9.18 34.91 12.26
N ILE B 214 10.07 34.80 11.29
CA ILE B 214 11.38 34.18 11.49
C ILE B 214 12.48 35.22 11.36
N ARG B 215 12.41 35.99 10.29
CA ARG B 215 13.31 37.12 10.10
C ARG B 215 12.52 38.33 9.67
N GLU B 216 12.82 39.49 10.24
CA GLU B 216 12.18 40.71 9.81
C GLU B 216 12.48 40.93 8.33
N GLY B 217 11.45 41.28 7.58
CA GLY B 217 11.59 41.55 6.16
C GLY B 217 11.52 40.32 5.26
N MET B 218 11.43 39.13 5.85
CA MET B 218 11.30 37.91 5.07
C MET B 218 9.86 37.44 5.10
N LEU B 219 9.33 37.17 3.92
CA LEU B 219 7.98 36.62 3.78
C LEU B 219 8.07 35.23 3.16
N CYS B 220 7.39 34.24 3.75
CA CYS B 220 7.32 32.91 3.18
C CYS B 220 5.88 32.49 2.91
N ILE B 221 5.70 31.67 1.88
CA ILE B 221 4.40 31.14 1.52
C ILE B 221 4.53 29.62 1.48
N GLY B 222 3.63 28.91 2.15
CA GLY B 222 3.79 27.46 2.29
C GLY B 222 2.63 26.64 1.76
N ALA B 223 2.91 25.39 1.38
CA ALA B 223 1.85 24.46 0.98
C ALA B 223 2.20 23.03 1.43
N ALA B 224 1.20 22.17 1.49
CA ALA B 224 1.40 20.83 2.00
C ALA B 224 1.68 19.82 0.88
N ILE B 225 2.59 18.90 1.17
CA ILE B 225 2.88 17.77 0.30
C ILE B 225 2.28 16.56 0.97
N ARG B 226 1.52 15.76 0.23
CA ARG B 226 0.89 14.59 0.81
C ARG B 226 1.44 13.30 0.21
N ASP B 227 1.49 12.25 1.04
CA ASP B 227 2.00 10.95 0.62
C ASP B 227 0.86 10.07 0.14
N TYR B 228 1.19 8.85 -0.28
CA TYR B 228 0.18 7.99 -0.88
C TYR B 228 -1.02 7.85 0.06
N SER B 229 -0.75 7.89 1.36
CA SER B 229 -1.78 7.71 2.37
C SER B 229 -2.77 8.87 2.48
N GLY B 230 -2.41 10.04 1.97
CA GLY B 230 -3.24 11.22 2.11
C GLY B 230 -2.81 12.13 3.24
N ALA B 231 -1.94 11.64 4.11
CA ALA B 231 -1.45 12.44 5.21
C ALA B 231 -0.43 13.49 4.74
N ALA B 232 -0.44 14.66 5.36
CA ALA B 232 0.56 15.68 5.08
C ALA B 232 1.91 15.21 5.60
N SER B 233 2.83 14.92 4.68
CA SER B 233 4.10 14.32 5.05
C SER B 233 5.24 15.32 5.05
N ALA B 234 5.07 16.41 4.30
CA ALA B 234 6.11 17.41 4.19
C ALA B 234 5.50 18.75 3.83
N GLY B 235 6.29 19.80 3.91
CA GLY B 235 5.83 21.13 3.53
C GLY B 235 6.81 21.72 2.51
N ILE B 236 6.30 22.53 1.61
CA ILE B 236 7.14 23.28 0.70
C ILE B 236 6.85 24.77 0.88
N ALA B 237 7.87 25.60 0.82
CA ALA B 237 7.65 27.05 0.93
C ALA B 237 8.53 27.82 -0.01
N ILE B 238 8.08 28.99 -0.41
CA ILE B 238 8.97 29.92 -1.08
C ILE B 238 9.19 31.09 -0.13
N SER B 239 10.35 31.70 -0.23
CA SER B 239 10.74 32.85 0.55
C SER B 239 11.12 34.03 -0.34
N LEU B 240 10.70 35.21 0.06
CA LEU B 240 11.05 36.41 -0.71
C LEU B 240 11.09 37.61 0.22
N ILE B 241 11.56 38.74 -0.31
CA ILE B 241 11.55 39.98 0.44
C ILE B 241 10.13 40.54 0.53
N ARG B 242 9.65 40.73 1.75
CA ARG B 242 8.26 41.16 1.99
C ARG B 242 7.92 42.48 1.32
N SER B 243 8.79 43.48 1.47
CA SER B 243 8.53 44.81 0.94
C SER B 243 8.43 44.81 -0.58
N GLU B 244 8.62 43.64 -1.19
CA GLU B 244 8.71 43.52 -2.63
C GLU B 244 7.48 42.84 -3.26
N ALA B 245 6.46 42.59 -2.45
CA ALA B 245 5.29 41.85 -2.92
C ALA B 245 3.98 42.42 -2.42
N SER B 246 3.06 42.72 -3.34
CA SER B 246 1.72 43.19 -2.96
C SER B 246 0.94 42.04 -2.33
N ASP B 247 -0.14 42.35 -1.61
CA ASP B 247 -0.99 41.32 -1.04
C ASP B 247 -1.58 40.46 -2.15
N GLU B 248 -1.90 41.09 -3.29
CA GLU B 248 -2.47 40.36 -4.42
C GLU B 248 -1.46 39.38 -5.01
N LYS B 249 -0.21 39.81 -5.09
CA LYS B 249 0.84 38.92 -5.56
C LYS B 249 1.07 37.75 -4.63
N ILE B 250 1.07 37.99 -3.33
CA ILE B 250 1.22 36.92 -2.36
C ILE B 250 0.10 35.87 -2.52
N ALA B 251 -1.14 36.32 -2.70
CA ALA B 251 -2.24 35.37 -2.85
C ALA B 251 -2.10 34.60 -4.16
N TYR B 252 -1.61 35.27 -5.19
CA TYR B 252 -1.43 34.60 -6.48
C TYR B 252 -0.41 33.45 -6.29
N LEU B 253 0.71 33.79 -5.67
CA LEU B 253 1.78 32.83 -5.43
C LEU B 253 1.34 31.69 -4.52
N GLY B 254 0.49 32.01 -3.55
CA GLY B 254 -0.05 30.98 -2.68
C GLY B 254 -0.84 29.94 -3.44
N GLU B 255 -1.69 30.39 -4.36
CA GLU B 255 -2.48 29.46 -5.16
C GLU B 255 -1.58 28.67 -6.13
N GLU B 256 -0.60 29.34 -6.73
CA GLU B 256 0.37 28.64 -7.58
C GLU B 256 1.12 27.59 -6.76
N LEU B 257 1.56 27.95 -5.57
CA LEU B 257 2.25 26.98 -4.72
C LEU B 257 1.36 25.81 -4.30
N ARG B 258 0.09 26.09 -4.02
CA ARG B 258 -0.86 25.04 -3.64
C ARG B 258 -0.94 23.96 -4.71
N THR B 259 -1.06 24.38 -5.97
CA THR B 259 -1.20 23.43 -7.07
C THR B 259 0.13 22.74 -7.42
N THR B 260 1.23 23.46 -7.26
CA THR B 260 2.57 22.89 -7.41
C THR B 260 2.75 21.77 -6.39
N ALA B 261 2.34 22.03 -5.15
CA ALA B 261 2.43 21.04 -4.08
C ALA B 261 1.57 19.81 -4.38
N ASN B 262 0.34 20.04 -4.87
CA ASN B 262 -0.52 18.95 -5.32
C ASN B 262 0.13 18.07 -6.41
N ALA B 263 0.82 18.71 -7.35
CA ALA B 263 1.49 17.97 -8.42
C ALA B 263 2.64 17.15 -7.86
N LEU B 264 3.36 17.72 -6.89
CA LEU B 264 4.43 16.97 -6.25
C LEU B 264 3.89 15.76 -5.46
N SER B 265 2.79 15.97 -4.74
CA SER B 265 2.12 14.89 -3.99
C SER B 265 1.73 13.72 -4.89
N GLU B 266 1.20 14.05 -6.06
CA GLU B 266 0.83 13.03 -7.04
C GLU B 266 2.03 12.18 -7.43
N LYS B 267 3.19 12.80 -7.55
CA LYS B 267 4.40 12.04 -7.87
C LYS B 267 4.77 11.09 -6.75
N LEU B 268 4.26 11.34 -5.54
CA LEU B 268 4.59 10.52 -4.38
C LEU B 268 3.51 9.50 -4.06
N GLY B 269 2.48 9.44 -4.90
CA GLY B 269 1.45 8.44 -4.74
C GLY B 269 0.09 8.97 -4.29
N TYR B 270 0.03 10.24 -3.91
CA TYR B 270 -1.24 10.83 -3.50
C TYR B 270 -2.24 10.88 -4.65
N ARG B 271 -3.47 10.46 -4.37
CA ARG B 271 -4.56 10.49 -5.33
C ARG B 271 -5.66 11.42 -4.82
N SER B 272 -5.74 12.61 -5.39
CA SER B 272 -6.66 13.64 -4.90
C SER B 272 -8.10 13.34 -5.29
#